data_3VF8
#
_entry.id   3VF8
#
_cell.length_a   39.743
_cell.length_b   84.952
_cell.length_c   89.734
_cell.angle_alpha   90.000
_cell.angle_beta   90.000
_cell.angle_gamma   90.000
#
_symmetry.space_group_name_H-M   'P 21 21 21'
#
loop_
_entity.id
_entity.type
_entity.pdbx_description
1 polymer 'Tyrosine-protein kinase SYK'
2 non-polymer 3-[5-(5-ethoxy-6-fluoro-1H-benzimidazol-2-yl)-1H-pyrazol-4-yl]-1,1-diethylurea
3 water water
#
_entity_poly.entity_id   1
_entity_poly.type   'polypeptide(L)'
_entity_poly.pdbx_seq_one_letter_code
;MDTEVYESPYADPEEIRPKEVYLDRKLLTLEDKELGSGNFGTVKKGYYQMKKVVKTVAVKILKNEANDPALKDELLAEAN
VMQQLDNPYIVRMIGICEAESWMLVMEMAELGPLNKYLQQNRHVKDKNIIELVHQVSMGMKYLEESNFVHRDLAARNVLL
VTQHYAKISDFGLSKALRADENYYKAQTHGKWPVKWYAPECINYYKFSSKSDVWSFGVLMWEAFSYGQKPYRGMKGSEVT
AMLEKGERMGCPAGCPREMYDLMNLCWTYDVENRPGFAAVELRLRNYYYDVVNHHHHHH
;
_entity_poly.pdbx_strand_id   A
#
loop_
_chem_comp.id
_chem_comp.type
_chem_comp.name
_chem_comp.formula
0JE non-polymer 3-[5-(5-ethoxy-6-fluoro-1H-benzimidazol-2-yl)-1H-pyrazol-4-yl]-1,1-diethylurea 'C17 H21 F N6 O2'
#
# COMPACT_ATOMS: atom_id res chain seq x y z
N VAL A 21 10.19 10.07 19.01
CA VAL A 21 9.66 10.67 17.79
C VAL A 21 10.62 11.69 17.18
N TYR A 22 11.15 12.62 17.99
CA TYR A 22 12.09 13.63 17.51
C TYR A 22 13.54 13.13 17.50
N LEU A 23 14.10 12.99 16.29
CA LEU A 23 15.45 12.47 16.07
C LEU A 23 16.53 13.55 16.00
N ASP A 24 17.77 13.15 16.31
CA ASP A 24 18.97 13.99 16.29
C ASP A 24 19.56 14.00 14.88
N ARG A 25 19.70 15.21 14.28
CA ARG A 25 20.24 15.41 12.94
C ARG A 25 21.72 14.98 12.84
N LYS A 26 22.48 15.13 13.95
CA LYS A 26 23.89 14.73 14.05
C LYS A 26 24.07 13.22 13.88
N LEU A 27 23.07 12.43 14.34
CA LEU A 27 23.07 10.97 14.24
C LEU A 27 22.57 10.47 12.87
N LEU A 28 22.01 11.38 12.04
CA LEU A 28 21.50 11.06 10.71
C LEU A 28 22.51 11.45 9.62
N THR A 29 22.84 10.48 8.74
CA THR A 29 23.77 10.67 7.63
C THR A 29 23.02 10.39 6.31
N LEU A 30 22.73 11.44 5.54
CA LEU A 30 22.01 11.33 4.27
C LEU A 30 22.95 11.06 3.10
N GLU A 31 22.57 10.11 2.22
CA GLU A 31 23.33 9.74 1.03
C GLU A 31 22.82 10.50 -0.20
N ASP A 32 23.66 10.60 -1.25
CA ASP A 32 23.34 11.29 -2.50
C ASP A 32 22.29 10.54 -3.33
N LYS A 33 22.20 9.21 -3.15
CA LYS A 33 21.26 8.33 -3.85
C LYS A 33 19.81 8.58 -3.45
N GLU A 34 18.95 8.83 -4.46
CA GLU A 34 17.52 9.07 -4.29
C GLU A 34 16.73 7.82 -4.61
N LEU A 35 15.96 7.32 -3.64
CA LEU A 35 15.14 6.10 -3.76
C LEU A 35 13.84 6.33 -4.52
N GLY A 36 13.21 7.47 -4.30
CA GLY A 36 11.95 7.84 -4.95
C GLY A 36 11.70 9.34 -5.00
N SER A 37 10.60 9.74 -5.67
CA SER A 37 10.19 11.13 -5.83
C SER A 37 8.66 11.29 -5.97
N GLY A 38 8.15 12.45 -5.57
CA GLY A 38 6.73 12.80 -5.64
C GLY A 38 6.49 14.29 -5.58
N ASN A 39 5.24 14.69 -5.22
CA ASN A 39 4.84 16.09 -5.08
C ASN A 39 5.48 16.73 -3.86
N PHE A 40 5.66 15.94 -2.78
CA PHE A 40 6.27 16.33 -1.50
C PHE A 40 7.73 16.72 -1.65
N GLY A 41 8.46 16.01 -2.50
CA GLY A 41 9.87 16.21 -2.76
C GLY A 41 10.56 14.94 -3.21
N THR A 42 11.34 14.31 -2.32
CA THR A 42 12.09 13.09 -2.62
C THR A 42 12.27 12.16 -1.40
N VAL A 43 12.59 10.88 -1.68
CA VAL A 43 12.88 9.84 -0.68
C VAL A 43 14.34 9.43 -0.90
N LYS A 44 15.20 9.58 0.13
CA LYS A 44 16.62 9.26 0.03
C LYS A 44 17.11 8.23 1.03
N LYS A 45 18.18 7.49 0.66
CA LYS A 45 18.83 6.49 1.53
C LYS A 45 19.65 7.21 2.59
N GLY A 46 19.69 6.64 3.79
CA GLY A 46 20.43 7.21 4.91
C GLY A 46 20.89 6.21 5.96
N TYR A 47 21.54 6.72 7.01
CA TYR A 47 22.05 5.93 8.14
C TYR A 47 21.77 6.66 9.44
N TYR A 48 21.22 5.95 10.44
CA TYR A 48 20.92 6.52 11.75
C TYR A 48 21.55 5.69 12.88
N GLN A 49 22.31 6.36 13.77
CA GLN A 49 22.97 5.72 14.92
C GLN A 49 21.96 5.38 16.00
N MET A 50 21.92 4.12 16.43
CA MET A 50 21.01 3.63 17.46
C MET A 50 21.72 3.52 18.81
N VAL A 53 25.22 0.29 17.26
CA VAL A 53 24.55 -0.19 16.06
C VAL A 53 24.01 0.96 15.20
N VAL A 54 24.25 0.90 13.88
CA VAL A 54 23.79 1.90 12.91
C VAL A 54 22.72 1.25 12.02
N LYS A 55 21.57 1.94 11.85
CA LYS A 55 20.46 1.43 11.06
C LYS A 55 20.32 2.16 9.73
N THR A 56 20.24 1.38 8.62
CA THR A 56 20.03 1.88 7.26
C THR A 56 18.58 2.34 7.21
N VAL A 57 18.36 3.57 6.73
CA VAL A 57 17.04 4.17 6.69
C VAL A 57 16.66 4.78 5.35
N ALA A 58 15.35 4.94 5.12
CA ALA A 58 14.79 5.61 3.95
C ALA A 58 14.17 6.88 4.52
N VAL A 59 14.64 8.04 4.05
CA VAL A 59 14.20 9.34 4.56
C VAL A 59 13.34 10.10 3.55
N LYS A 60 12.09 10.36 3.94
CA LYS A 60 11.14 11.13 3.13
C LYS A 60 11.39 12.60 3.43
N ILE A 61 11.96 13.33 2.44
CA ILE A 61 12.32 14.74 2.57
C ILE A 61 11.33 15.65 1.84
N LEU A 62 10.76 16.63 2.56
CA LEU A 62 9.79 17.59 2.02
C LEU A 62 10.44 18.62 1.11
N PRO A 69 3.07 25.28 4.11
CA PRO A 69 2.55 24.73 5.38
C PRO A 69 1.70 23.47 5.19
N ALA A 70 1.09 23.30 4.00
CA ALA A 70 0.24 22.15 3.66
C ALA A 70 1.02 20.83 3.62
N LEU A 71 2.20 20.82 2.96
CA LEU A 71 3.06 19.63 2.86
C LEU A 71 3.65 19.22 4.22
N LYS A 72 3.97 20.21 5.07
CA LYS A 72 4.52 20.00 6.42
C LYS A 72 3.49 19.34 7.34
N ASP A 73 2.23 19.83 7.32
CA ASP A 73 1.12 19.29 8.11
C ASP A 73 0.76 17.87 7.65
N GLU A 74 0.91 17.59 6.34
CA GLU A 74 0.67 16.28 5.72
C GLU A 74 1.69 15.25 6.23
N LEU A 75 2.97 15.66 6.32
CA LEU A 75 4.08 14.82 6.80
C LEU A 75 3.95 14.52 8.30
N LEU A 76 3.52 15.52 9.11
CA LEU A 76 3.32 15.37 10.55
C LEU A 76 2.17 14.40 10.85
N ALA A 77 1.06 14.48 10.07
CA ALA A 77 -0.11 13.61 10.19
C ALA A 77 0.26 12.17 9.79
N GLU A 78 1.08 12.03 8.72
CA GLU A 78 1.59 10.75 8.20
C GLU A 78 2.44 10.06 9.28
N ALA A 79 3.29 10.83 9.97
CA ALA A 79 4.16 10.36 11.04
C ALA A 79 3.37 9.91 12.26
N ASN A 80 2.27 10.63 12.59
CA ASN A 80 1.39 10.32 13.71
C ASN A 80 0.66 8.98 13.51
N VAL A 81 0.31 8.65 12.25
CA VAL A 81 -0.34 7.39 11.87
C VAL A 81 0.65 6.24 12.04
N MET A 82 1.84 6.35 11.40
CA MET A 82 2.92 5.36 11.41
C MET A 82 3.43 5.00 12.80
N GLN A 83 3.49 6.00 13.71
CA GLN A 83 3.93 5.84 15.10
C GLN A 83 3.02 4.91 15.91
N GLN A 84 1.72 4.88 15.57
CA GLN A 84 0.69 4.07 16.22
C GLN A 84 0.67 2.62 15.71
N LEU A 85 1.36 2.34 14.59
CA LEU A 85 1.38 1.01 13.98
C LEU A 85 2.57 0.16 14.40
N ASP A 86 2.30 -1.10 14.78
CA ASP A 86 3.30 -2.09 15.20
C ASP A 86 2.91 -3.46 14.63
N ASN A 87 3.42 -3.75 13.42
CA ASN A 87 3.15 -5.00 12.70
C ASN A 87 4.34 -5.36 11.82
N PRO A 88 4.72 -6.67 11.70
CA PRO A 88 5.87 -7.02 10.84
C PRO A 88 5.68 -6.75 9.35
N TYR A 89 4.43 -6.59 8.89
CA TYR A 89 4.13 -6.36 7.47
C TYR A 89 3.79 -4.90 7.12
N ILE A 90 4.25 -3.97 7.98
CA ILE A 90 4.10 -2.53 7.81
C ILE A 90 5.46 -1.88 8.08
N VAL A 91 5.87 -0.95 7.19
CA VAL A 91 7.14 -0.20 7.31
C VAL A 91 7.11 0.59 8.62
N ARG A 92 8.13 0.38 9.47
CA ARG A 92 8.25 1.05 10.77
C ARG A 92 8.91 2.40 10.63
N MET A 93 8.34 3.41 11.31
CA MET A 93 8.86 4.76 11.33
C MET A 93 9.86 4.84 12.49
N ILE A 94 11.07 5.36 12.21
CA ILE A 94 12.11 5.54 13.23
C ILE A 94 11.76 6.80 14.03
N GLY A 95 11.40 7.85 13.30
CA GLY A 95 11.01 9.14 13.86
C GLY A 95 11.04 10.25 12.84
N ILE A 96 10.91 11.49 13.32
CA ILE A 96 10.92 12.70 12.50
C ILE A 96 12.10 13.60 12.86
N CYS A 97 12.55 14.43 11.90
CA CYS A 97 13.67 15.35 12.09
C CYS A 97 13.47 16.66 11.32
N GLU A 98 13.62 17.80 12.03
CA GLU A 98 13.50 19.13 11.44
C GLU A 98 14.89 19.76 11.29
N ALA A 99 15.31 19.94 10.02
CA ALA A 99 16.61 20.54 9.71
C ALA A 99 16.49 21.40 8.44
N GLU A 100 17.27 21.09 7.38
CA GLU A 100 17.25 21.80 6.08
C GLU A 100 15.86 21.75 5.43
N SER A 101 15.07 20.71 5.80
CA SER A 101 13.69 20.42 5.39
C SER A 101 13.09 19.42 6.40
N TRP A 102 11.75 19.31 6.47
CA TRP A 102 11.06 18.36 7.36
C TRP A 102 11.32 16.94 6.84
N MET A 103 11.72 16.03 7.75
CA MET A 103 12.08 14.66 7.39
C MET A 103 11.31 13.56 8.13
N LEU A 104 10.88 12.54 7.39
CA LEU A 104 10.17 11.36 7.92
C LEU A 104 11.11 10.16 7.72
N VAL A 105 11.75 9.71 8.81
CA VAL A 105 12.72 8.62 8.81
C VAL A 105 12.04 7.27 9.04
N MET A 106 12.21 6.34 8.08
CA MET A 106 11.62 5.00 8.11
C MET A 106 12.69 3.93 7.97
N GLU A 107 12.38 2.69 8.40
CA GLU A 107 13.28 1.54 8.22
C GLU A 107 13.42 1.25 6.72
N MET A 108 14.63 0.89 6.29
CA MET A 108 14.92 0.62 4.88
C MET A 108 14.46 -0.77 4.44
N ALA A 109 13.71 -0.82 3.34
CA ALA A 109 13.27 -2.05 2.67
C ALA A 109 14.07 -2.05 1.38
N GLU A 110 15.25 -2.69 1.45
CA GLU A 110 16.29 -2.76 0.42
C GLU A 110 15.88 -3.07 -1.02
N LEU A 111 15.01 -4.07 -1.22
CA LEU A 111 14.58 -4.48 -2.56
C LEU A 111 13.63 -3.50 -3.27
N GLY A 112 12.97 -2.63 -2.49
CA GLY A 112 12.11 -1.57 -3.00
C GLY A 112 10.70 -1.95 -3.41
N PRO A 113 10.04 -1.06 -4.19
CA PRO A 113 8.65 -1.33 -4.62
C PRO A 113 8.42 -2.64 -5.36
N LEU A 114 7.32 -3.34 -5.01
CA LEU A 114 6.90 -4.63 -5.56
C LEU A 114 6.70 -4.58 -7.07
N ASN A 115 6.06 -3.51 -7.61
CA ASN A 115 5.81 -3.36 -9.05
C ASN A 115 7.11 -3.31 -9.86
N LYS A 116 8.09 -2.51 -9.40
CA LYS A 116 9.40 -2.34 -10.04
C LYS A 116 10.22 -3.63 -9.97
N TYR A 117 10.17 -4.34 -8.83
CA TYR A 117 10.90 -5.59 -8.62
C TYR A 117 10.40 -6.69 -9.56
N LEU A 118 9.07 -6.84 -9.71
CA LEU A 118 8.46 -7.85 -10.57
C LEU A 118 8.68 -7.55 -12.06
N GLN A 119 8.82 -6.25 -12.41
CA GLN A 119 9.12 -5.78 -13.78
C GLN A 119 10.56 -6.20 -14.16
N GLN A 120 11.48 -6.17 -13.18
CA GLN A 120 12.89 -6.53 -13.32
C GLN A 120 13.11 -8.04 -13.18
N ASN A 121 12.27 -8.71 -12.40
CA ASN A 121 12.38 -10.16 -12.14
C ASN A 121 11.10 -10.88 -12.57
N ARG A 122 10.96 -11.12 -13.89
CA ARG A 122 9.81 -11.78 -14.50
C ARG A 122 9.75 -13.30 -14.25
N HIS A 123 10.87 -13.89 -13.79
CA HIS A 123 10.99 -15.32 -13.49
C HIS A 123 10.60 -15.68 -12.03
N VAL A 124 10.06 -14.70 -11.26
CA VAL A 124 9.60 -14.92 -9.88
C VAL A 124 8.40 -15.87 -9.93
N LYS A 125 8.50 -16.99 -9.18
CA LYS A 125 7.49 -18.05 -9.13
C LYS A 125 6.13 -17.57 -8.64
N ASP A 126 5.06 -18.24 -9.10
CA ASP A 126 3.67 -17.95 -8.72
C ASP A 126 3.45 -18.11 -7.22
N LYS A 127 4.10 -19.15 -6.61
CA LYS A 127 4.06 -19.45 -5.17
C LYS A 127 4.61 -18.26 -4.36
N ASN A 128 5.68 -17.62 -4.86
CA ASN A 128 6.35 -16.46 -4.27
C ASN A 128 5.42 -15.24 -4.29
N ILE A 129 4.65 -15.07 -5.39
CA ILE A 129 3.70 -13.96 -5.54
C ILE A 129 2.57 -14.10 -4.51
N ILE A 130 2.00 -15.31 -4.37
CA ILE A 130 0.94 -15.62 -3.39
C ILE A 130 1.45 -15.28 -1.98
N GLU A 131 2.69 -15.71 -1.66
CA GLU A 131 3.37 -15.48 -0.37
C GLU A 131 3.42 -13.98 -0.03
N LEU A 132 3.89 -13.13 -0.97
CA LEU A 132 4.02 -11.69 -0.79
C LEU A 132 2.67 -10.99 -0.67
N VAL A 133 1.70 -11.39 -1.50
CA VAL A 133 0.32 -10.88 -1.52
C VAL A 133 -0.38 -11.23 -0.19
N HIS A 134 -0.14 -12.45 0.33
CA HIS A 134 -0.70 -12.89 1.61
C HIS A 134 -0.12 -12.07 2.77
N GLN A 135 1.17 -11.70 2.68
CA GLN A 135 1.84 -10.88 3.70
C GLN A 135 1.21 -9.49 3.77
N VAL A 136 0.82 -8.93 2.60
CA VAL A 136 0.14 -7.62 2.49
C VAL A 136 -1.25 -7.72 3.14
N SER A 137 -1.98 -8.83 2.90
CA SER A 137 -3.30 -9.06 3.51
C SER A 137 -3.22 -9.18 5.04
N MET A 138 -2.12 -9.76 5.57
CA MET A 138 -1.86 -9.88 7.00
C MET A 138 -1.66 -8.49 7.62
N GLY A 139 -0.89 -7.65 6.93
CA GLY A 139 -0.63 -6.27 7.33
C GLY A 139 -1.87 -5.42 7.26
N MET A 140 -2.71 -5.66 6.23
CA MET A 140 -3.96 -4.94 6.03
C MET A 140 -5.04 -5.40 7.01
N LYS A 141 -4.97 -6.67 7.46
CA LYS A 141 -5.89 -7.25 8.47
C LYS A 141 -5.67 -6.53 9.80
N TYR A 142 -4.38 -6.28 10.15
CA TYR A 142 -3.99 -5.55 11.36
C TYR A 142 -4.46 -4.09 11.28
N LEU A 143 -4.27 -3.45 10.10
CA LEU A 143 -4.68 -2.07 9.83
C LEU A 143 -6.20 -1.90 10.00
N GLU A 144 -6.97 -2.92 9.55
CA GLU A 144 -8.44 -3.00 9.67
C GLU A 144 -8.83 -3.08 11.16
N GLU A 145 -8.14 -3.96 11.93
CA GLU A 145 -8.33 -4.16 13.37
C GLU A 145 -7.99 -2.88 14.15
N SER A 146 -6.94 -2.16 13.70
CA SER A 146 -6.46 -0.90 14.29
C SER A 146 -7.36 0.29 13.93
N ASN A 147 -8.37 0.06 13.06
CA ASN A 147 -9.32 1.06 12.57
C ASN A 147 -8.66 2.23 11.83
N PHE A 148 -7.73 1.89 10.93
CA PHE A 148 -7.00 2.83 10.08
C PHE A 148 -7.30 2.48 8.63
N VAL A 149 -7.49 3.50 7.79
CA VAL A 149 -7.71 3.33 6.36
C VAL A 149 -6.43 3.75 5.63
N HIS A 150 -5.94 2.91 4.71
CA HIS A 150 -4.71 3.20 3.98
C HIS A 150 -4.89 4.30 2.92
N ARG A 151 -5.91 4.16 2.05
CA ARG A 151 -6.28 5.10 0.98
C ARG A 151 -5.26 5.23 -0.18
N ASP A 152 -4.21 4.40 -0.22
CA ASP A 152 -3.21 4.40 -1.30
C ASP A 152 -2.58 3.01 -1.45
N LEU A 153 -3.39 1.95 -1.23
CA LEU A 153 -2.91 0.57 -1.33
C LEU A 153 -2.71 0.16 -2.79
N ALA A 154 -1.44 0.17 -3.21
CA ALA A 154 -1.01 -0.16 -4.57
C ALA A 154 0.32 -0.91 -4.53
N ALA A 155 0.66 -1.63 -5.61
CA ALA A 155 1.91 -2.41 -5.73
C ALA A 155 3.17 -1.55 -5.52
N ARG A 156 3.14 -0.28 -5.98
CA ARG A 156 4.24 0.69 -5.82
C ARG A 156 4.49 1.03 -4.33
N ASN A 157 3.47 0.84 -3.47
CA ASN A 157 3.53 1.14 -2.04
C ASN A 157 3.78 -0.08 -1.16
N VAL A 158 4.04 -1.24 -1.80
CA VAL A 158 4.41 -2.48 -1.14
C VAL A 158 5.90 -2.59 -1.36
N LEU A 159 6.67 -2.60 -0.26
CA LEU A 159 8.12 -2.65 -0.35
C LEU A 159 8.68 -3.96 0.13
N LEU A 160 9.72 -4.44 -0.56
CA LEU A 160 10.33 -5.72 -0.26
C LEU A 160 11.61 -5.61 0.55
N VAL A 161 11.65 -6.34 1.69
CA VAL A 161 12.82 -6.43 2.57
C VAL A 161 13.72 -7.47 1.90
N THR A 162 13.12 -8.63 1.52
CA THR A 162 13.73 -9.73 0.78
C THR A 162 12.73 -10.13 -0.32
N GLN A 163 13.06 -11.16 -1.11
CA GLN A 163 12.20 -11.71 -2.16
C GLN A 163 10.98 -12.42 -1.52
N HIS A 164 11.07 -12.76 -0.22
CA HIS A 164 10.04 -13.46 0.55
C HIS A 164 9.52 -12.67 1.77
N TYR A 165 9.71 -11.33 1.78
CA TYR A 165 9.27 -10.46 2.88
C TYR A 165 8.80 -9.10 2.37
N ALA A 166 7.47 -8.87 2.40
CA ALA A 166 6.82 -7.64 1.96
C ALA A 166 6.28 -6.81 3.13
N LYS A 167 6.36 -5.47 3.00
CA LYS A 167 5.85 -4.50 3.98
C LYS A 167 5.06 -3.42 3.27
N ILE A 168 4.01 -2.92 3.94
CA ILE A 168 3.15 -1.85 3.41
C ILE A 168 3.75 -0.49 3.80
N SER A 169 3.87 0.42 2.82
CA SER A 169 4.39 1.77 3.06
C SER A 169 3.43 2.85 2.53
N ASP A 170 3.91 4.12 2.52
CA ASP A 170 3.20 5.32 2.05
C ASP A 170 1.85 5.53 2.75
N PHE A 171 1.91 6.14 3.93
CA PHE A 171 0.73 6.45 4.75
C PHE A 171 0.32 7.93 4.62
N GLY A 172 0.74 8.56 3.53
CA GLY A 172 0.47 9.96 3.21
C GLY A 172 -1.00 10.33 3.11
N LEU A 173 -1.84 9.40 2.59
CA LEU A 173 -3.28 9.60 2.45
C LEU A 173 -4.08 8.86 3.54
N SER A 174 -3.39 8.13 4.43
CA SER A 174 -3.99 7.35 5.50
C SER A 174 -4.70 8.17 6.57
N LYS A 175 -5.81 7.63 7.10
CA LYS A 175 -6.61 8.31 8.12
C LYS A 175 -6.97 7.38 9.27
N ALA A 176 -6.98 7.94 10.49
CA ALA A 176 -7.40 7.22 11.69
C ALA A 176 -8.92 7.40 11.73
N LEU A 177 -9.68 6.30 11.70
CA LEU A 177 -11.14 6.36 11.70
C LEU A 177 -11.68 6.83 13.05
N ARG A 178 -12.80 7.58 13.01
CA ARG A 178 -13.50 8.08 14.19
C ARG A 178 -14.05 6.88 14.95
N ALA A 179 -14.17 6.99 16.29
CA ALA A 179 -14.68 5.90 17.13
C ALA A 179 -16.15 5.55 16.83
N ASP A 180 -16.92 6.50 16.28
CA ASP A 180 -18.34 6.33 15.94
C ASP A 180 -18.61 6.07 14.44
N GLU A 181 -17.55 6.04 13.61
CA GLU A 181 -17.67 5.81 12.17
C GLU A 181 -16.77 4.69 11.64
N ASN A 182 -17.26 3.94 10.65
CA ASN A 182 -16.52 2.84 10.02
C ASN A 182 -15.88 3.30 8.69
N TYR A 183 -16.03 4.60 8.36
CA TYR A 183 -15.52 5.20 7.13
C TYR A 183 -14.99 6.63 7.36
N TYR A 184 -14.14 7.10 6.44
CA TYR A 184 -13.59 8.46 6.41
C TYR A 184 -14.26 9.20 5.24
N LYS A 185 -14.82 10.38 5.51
CA LYS A 185 -15.48 11.20 4.50
C LYS A 185 -14.56 12.34 4.10
N ALA A 186 -14.11 12.34 2.83
CA ALA A 186 -13.25 13.38 2.29
C ALA A 186 -14.12 14.55 1.83
N GLN A 187 -13.74 15.77 2.24
CA GLN A 187 -14.48 17.00 1.90
C GLN A 187 -14.35 17.35 0.41
N THR A 188 -13.14 17.17 -0.15
CA THR A 188 -12.81 17.45 -1.55
C THR A 188 -12.12 16.27 -2.24
N HIS A 189 -12.22 16.20 -3.58
CA HIS A 189 -11.58 15.16 -4.39
C HIS A 189 -10.19 15.65 -4.80
N GLY A 190 -9.17 15.26 -4.03
CA GLY A 190 -7.78 15.64 -4.27
C GLY A 190 -7.08 14.79 -5.31
N LYS A 191 -5.73 14.87 -5.35
CA LYS A 191 -4.88 14.09 -6.26
C LYS A 191 -4.99 12.63 -5.83
N TRP A 192 -5.96 11.93 -6.44
CA TRP A 192 -6.33 10.56 -6.10
C TRP A 192 -5.91 9.45 -7.06
N PRO A 193 -5.42 8.30 -6.54
CA PRO A 193 -5.09 7.17 -7.43
C PRO A 193 -6.39 6.41 -7.76
N VAL A 194 -7.21 7.02 -8.62
CA VAL A 194 -8.54 6.56 -9.03
C VAL A 194 -8.66 5.11 -9.52
N LYS A 195 -7.61 4.61 -10.21
CA LYS A 195 -7.58 3.23 -10.72
C LYS A 195 -7.53 2.17 -9.61
N TRP A 196 -7.20 2.58 -8.37
CA TRP A 196 -7.14 1.71 -7.20
C TRP A 196 -8.35 1.93 -6.28
N TYR A 197 -9.19 2.94 -6.58
CA TYR A 197 -10.34 3.31 -5.75
C TYR A 197 -11.63 2.58 -6.05
N ALA A 198 -12.34 2.21 -4.96
CA ALA A 198 -13.63 1.53 -4.99
C ALA A 198 -14.73 2.49 -5.48
N PRO A 199 -15.88 2.01 -6.00
CA PRO A 199 -16.93 2.94 -6.48
C PRO A 199 -17.46 3.93 -5.45
N GLU A 200 -17.58 3.53 -4.17
CA GLU A 200 -18.06 4.41 -3.09
C GLU A 200 -17.10 5.59 -2.80
N CYS A 201 -15.80 5.43 -3.13
CA CYS A 201 -14.76 6.45 -2.98
C CYS A 201 -14.96 7.52 -4.05
N ILE A 202 -15.24 7.10 -5.29
CA ILE A 202 -15.46 7.97 -6.44
C ILE A 202 -16.82 8.66 -6.34
N ASN A 203 -17.88 7.90 -6.03
CA ASN A 203 -19.25 8.39 -5.97
C ASN A 203 -19.67 9.15 -4.72
N TYR A 204 -19.20 8.73 -3.53
CA TYR A 204 -19.62 9.33 -2.26
C TYR A 204 -18.49 9.89 -1.36
N TYR A 205 -17.22 9.77 -1.82
CA TYR A 205 -15.99 10.19 -1.10
C TYR A 205 -15.85 9.47 0.26
N LYS A 206 -16.39 8.23 0.35
CA LYS A 206 -16.37 7.40 1.56
C LYS A 206 -15.28 6.34 1.46
N PHE A 207 -14.38 6.35 2.44
CA PHE A 207 -13.22 5.45 2.51
C PHE A 207 -13.27 4.60 3.77
N SER A 208 -13.45 3.29 3.59
CA SER A 208 -13.52 2.32 4.68
C SER A 208 -12.42 1.26 4.49
N SER A 209 -12.34 0.28 5.41
CA SER A 209 -11.38 -0.82 5.30
C SER A 209 -11.76 -1.71 4.11
N LYS A 210 -13.07 -1.78 3.80
CA LYS A 210 -13.59 -2.50 2.64
C LYS A 210 -13.22 -1.78 1.33
N SER A 211 -12.98 -0.45 1.39
CA SER A 211 -12.51 0.34 0.25
C SER A 211 -11.05 -0.06 -0.05
N ASP A 212 -10.26 -0.32 1.02
CA ASP A 212 -8.87 -0.79 0.90
C ASP A 212 -8.84 -2.22 0.33
N VAL A 213 -9.92 -3.01 0.56
CA VAL A 213 -10.08 -4.38 0.04
C VAL A 213 -10.14 -4.33 -1.50
N TRP A 214 -10.90 -3.34 -2.05
CA TRP A 214 -11.00 -3.14 -3.50
C TRP A 214 -9.60 -2.85 -4.06
N SER A 215 -8.85 -1.92 -3.41
CA SER A 215 -7.47 -1.54 -3.77
C SER A 215 -6.57 -2.76 -3.74
N PHE A 216 -6.76 -3.65 -2.73
CA PHE A 216 -6.03 -4.90 -2.56
C PHE A 216 -6.24 -5.84 -3.75
N GLY A 217 -7.45 -5.85 -4.31
CA GLY A 217 -7.80 -6.63 -5.48
C GLY A 217 -7.02 -6.18 -6.70
N VAL A 218 -6.88 -4.84 -6.86
CA VAL A 218 -6.11 -4.20 -7.94
C VAL A 218 -4.62 -4.53 -7.72
N LEU A 219 -4.16 -4.47 -6.44
CA LEU A 219 -2.80 -4.79 -6.03
C LEU A 219 -2.47 -6.24 -6.42
N MET A 220 -3.42 -7.18 -6.17
CA MET A 220 -3.31 -8.60 -6.52
C MET A 220 -3.11 -8.74 -8.03
N TRP A 221 -3.95 -8.05 -8.83
CA TRP A 221 -3.86 -8.04 -10.30
C TRP A 221 -2.46 -7.60 -10.74
N GLU A 222 -1.96 -6.48 -10.17
CA GLU A 222 -0.64 -5.91 -10.47
C GLU A 222 0.48 -6.91 -10.20
N ALA A 223 0.41 -7.60 -9.05
CA ALA A 223 1.39 -8.59 -8.61
C ALA A 223 1.44 -9.80 -9.53
N PHE A 224 0.26 -10.34 -9.90
CA PHE A 224 0.18 -11.48 -10.81
C PHE A 224 0.46 -11.10 -12.27
N SER A 225 0.40 -9.78 -12.60
CA SER A 225 0.70 -9.24 -13.94
C SER A 225 2.16 -8.77 -14.03
N TYR A 226 2.98 -9.09 -13.01
CA TYR A 226 4.41 -8.77 -12.89
C TYR A 226 4.73 -7.26 -12.97
N GLY A 227 3.98 -6.47 -12.19
CA GLY A 227 4.17 -5.04 -12.11
C GLY A 227 3.58 -4.22 -13.24
N GLN A 228 2.70 -4.82 -14.05
CA GLN A 228 2.02 -4.12 -15.15
C GLN A 228 0.99 -3.15 -14.56
N LYS A 229 0.82 -1.98 -15.18
CA LYS A 229 -0.12 -0.96 -14.75
C LYS A 229 -1.56 -1.42 -14.97
N PRO A 230 -2.48 -1.22 -13.99
CA PRO A 230 -3.88 -1.63 -14.21
C PRO A 230 -4.63 -0.67 -15.12
N TYR A 231 -5.65 -1.19 -15.84
CA TYR A 231 -6.50 -0.43 -16.78
C TYR A 231 -5.64 0.39 -17.76
N ARG A 232 -4.66 -0.25 -18.42
CA ARG A 232 -3.75 0.44 -19.34
C ARG A 232 -4.44 1.12 -20.52
N GLY A 233 -3.97 2.32 -20.85
CA GLY A 233 -4.50 3.15 -21.93
C GLY A 233 -5.89 3.71 -21.68
N MET A 234 -6.36 3.66 -20.42
CA MET A 234 -7.69 4.13 -20.04
C MET A 234 -7.63 5.36 -19.13
N LYS A 235 -8.63 6.24 -19.26
CA LYS A 235 -8.77 7.43 -18.42
C LYS A 235 -9.56 7.03 -17.18
N GLY A 236 -9.44 7.81 -16.10
CA GLY A 236 -10.14 7.59 -14.84
C GLY A 236 -11.64 7.45 -15.01
N SER A 237 -12.24 8.32 -15.84
CA SER A 237 -13.67 8.32 -16.17
C SER A 237 -14.07 7.06 -16.95
N GLU A 238 -13.16 6.56 -17.82
CA GLU A 238 -13.38 5.34 -18.60
C GLU A 238 -13.38 4.10 -17.71
N VAL A 239 -12.56 4.11 -16.62
CA VAL A 239 -12.46 3.03 -15.63
C VAL A 239 -13.80 2.96 -14.85
N THR A 240 -14.30 4.14 -14.41
CA THR A 240 -15.57 4.29 -13.68
C THR A 240 -16.72 3.75 -14.55
N ALA A 241 -16.73 4.09 -15.85
CA ALA A 241 -17.72 3.64 -16.83
C ALA A 241 -17.63 2.12 -17.04
N MET A 242 -16.41 1.55 -17.02
CA MET A 242 -16.14 0.11 -17.20
C MET A 242 -16.70 -0.68 -16.00
N LEU A 243 -16.41 -0.23 -14.77
CA LEU A 243 -16.86 -0.87 -13.52
C LEU A 243 -18.38 -0.79 -13.33
N GLU A 244 -19.02 0.28 -13.85
CA GLU A 244 -20.47 0.48 -13.80
C GLU A 244 -21.20 -0.52 -14.71
N LYS A 245 -20.55 -0.93 -15.83
CA LYS A 245 -21.05 -1.92 -16.78
C LYS A 245 -20.92 -3.34 -16.16
N GLY A 246 -20.25 -3.43 -15.01
CA GLY A 246 -20.00 -4.68 -14.32
C GLY A 246 -18.75 -5.38 -14.83
N GLU A 247 -17.97 -4.69 -15.68
CA GLU A 247 -16.76 -5.23 -16.26
C GLU A 247 -15.56 -5.08 -15.33
N ARG A 248 -14.69 -6.10 -15.32
CA ARG A 248 -13.48 -6.17 -14.50
C ARG A 248 -12.31 -6.58 -15.36
N MET A 249 -11.06 -6.28 -14.91
CA MET A 249 -9.83 -6.65 -15.62
C MET A 249 -9.74 -8.16 -15.76
N GLY A 250 -9.25 -8.62 -16.91
CA GLY A 250 -9.09 -10.03 -17.22
C GLY A 250 -8.04 -10.72 -16.36
N CYS A 251 -8.05 -12.06 -16.38
CA CYS A 251 -7.12 -12.88 -15.63
C CYS A 251 -5.69 -12.77 -16.18
N PRO A 252 -4.69 -12.42 -15.34
CA PRO A 252 -3.31 -12.33 -15.83
C PRO A 252 -2.76 -13.70 -16.23
N ALA A 253 -1.82 -13.74 -17.19
CA ALA A 253 -1.20 -14.98 -17.67
C ALA A 253 -0.49 -15.73 -16.54
N GLY A 254 -0.87 -16.99 -16.36
CA GLY A 254 -0.30 -17.87 -15.33
C GLY A 254 -0.91 -17.75 -13.95
N CYS A 255 -1.81 -16.77 -13.74
CA CYS A 255 -2.48 -16.54 -12.46
C CYS A 255 -3.52 -17.64 -12.19
N PRO A 256 -3.46 -18.31 -11.01
CA PRO A 256 -4.44 -19.37 -10.72
C PRO A 256 -5.87 -18.86 -10.65
N ARG A 257 -6.83 -19.74 -10.99
CA ARG A 257 -8.27 -19.44 -10.98
C ARG A 257 -8.73 -18.95 -9.62
N GLU A 258 -8.29 -19.63 -8.53
CA GLU A 258 -8.62 -19.31 -7.13
C GLU A 258 -8.19 -17.89 -6.74
N MET A 259 -7.02 -17.44 -7.27
CA MET A 259 -6.48 -16.11 -7.01
C MET A 259 -7.25 -15.03 -7.77
N TYR A 260 -7.68 -15.35 -9.01
CA TYR A 260 -8.48 -14.44 -9.82
C TYR A 260 -9.90 -14.31 -9.25
N ASP A 261 -10.42 -15.40 -8.65
CA ASP A 261 -11.72 -15.45 -7.99
C ASP A 261 -11.72 -14.51 -6.77
N LEU A 262 -10.57 -14.45 -6.04
CA LEU A 262 -10.40 -13.57 -4.88
C LEU A 262 -10.33 -12.09 -5.33
N MET A 263 -9.64 -11.82 -6.46
CA MET A 263 -9.54 -10.48 -7.07
C MET A 263 -10.94 -9.96 -7.35
N ASN A 264 -11.79 -10.81 -7.99
CA ASN A 264 -13.17 -10.48 -8.32
C ASN A 264 -14.05 -10.30 -7.10
N LEU A 265 -13.78 -11.06 -6.02
CA LEU A 265 -14.51 -10.96 -4.74
C LEU A 265 -14.13 -9.63 -4.06
N CYS A 266 -12.86 -9.18 -4.22
CA CYS A 266 -12.37 -7.90 -3.72
C CYS A 266 -13.03 -6.78 -4.53
N TRP A 267 -13.33 -7.08 -5.82
CA TRP A 267 -13.98 -6.14 -6.74
C TRP A 267 -15.53 -6.21 -6.71
N THR A 268 -16.11 -6.51 -5.52
CA THR A 268 -17.56 -6.52 -5.32
C THR A 268 -17.99 -5.04 -5.23
N TYR A 269 -18.89 -4.60 -6.13
CA TYR A 269 -19.37 -3.22 -6.21
C TYR A 269 -19.98 -2.71 -4.90
N ASP A 270 -20.92 -3.47 -4.32
CA ASP A 270 -21.61 -3.10 -3.08
C ASP A 270 -20.72 -3.38 -1.88
N VAL A 271 -20.50 -2.35 -1.03
CA VAL A 271 -19.66 -2.37 0.17
C VAL A 271 -20.05 -3.50 1.13
N GLU A 272 -21.36 -3.60 1.47
CA GLU A 272 -21.92 -4.59 2.39
C GLU A 272 -21.61 -6.05 2.03
N ASN A 273 -21.63 -6.38 0.73
CA ASN A 273 -21.36 -7.73 0.23
C ASN A 273 -19.87 -8.02 -0.02
N ARG A 274 -19.03 -6.96 -0.04
CA ARG A 274 -17.58 -7.08 -0.23
C ARG A 274 -16.94 -7.64 1.05
N PRO A 275 -16.01 -8.62 0.98
CA PRO A 275 -15.41 -9.15 2.21
C PRO A 275 -14.44 -8.17 2.88
N GLY A 276 -14.23 -8.37 4.18
CA GLY A 276 -13.28 -7.60 4.96
C GLY A 276 -11.91 -8.25 4.86
N PHE A 277 -10.88 -7.63 5.46
CA PHE A 277 -9.52 -8.19 5.40
C PHE A 277 -9.31 -9.53 6.11
N ALA A 278 -10.11 -9.83 7.15
CA ALA A 278 -10.04 -11.11 7.87
C ALA A 278 -10.43 -12.28 6.94
N ALA A 279 -11.48 -12.09 6.12
CA ALA A 279 -11.95 -13.07 5.15
C ALA A 279 -10.98 -13.20 3.97
N VAL A 280 -10.41 -12.07 3.51
CA VAL A 280 -9.45 -12.01 2.40
C VAL A 280 -8.13 -12.71 2.77
N GLU A 281 -7.60 -12.43 3.98
CA GLU A 281 -6.36 -13.02 4.51
C GLU A 281 -6.50 -14.53 4.67
N LEU A 282 -7.64 -15.01 5.22
CA LEU A 282 -7.92 -16.43 5.45
C LEU A 282 -7.93 -17.22 4.13
N ARG A 283 -8.55 -16.66 3.08
CA ARG A 283 -8.61 -17.27 1.74
C ARG A 283 -7.22 -17.40 1.13
N LEU A 284 -6.38 -16.36 1.33
CA LEU A 284 -4.99 -16.34 0.85
C LEU A 284 -4.11 -17.31 1.65
N ARG A 285 -4.33 -17.36 2.98
CA ARG A 285 -3.63 -18.23 3.93
C ARG A 285 -3.83 -19.69 3.55
N ASN A 286 -5.09 -20.10 3.34
CA ASN A 286 -5.49 -21.46 2.97
C ASN A 286 -4.97 -21.86 1.59
N TYR A 287 -5.05 -20.94 0.60
CA TYR A 287 -4.55 -21.25 -0.75
C TYR A 287 -3.03 -21.33 -0.82
N TYR A 288 -2.32 -20.48 -0.03
CA TYR A 288 -0.84 -20.49 0.00
C TYR A 288 -0.31 -21.80 0.57
N TYR A 289 -0.95 -22.32 1.64
CA TYR A 289 -0.56 -23.57 2.28
C TYR A 289 -0.93 -24.80 1.42
N ASP A 290 -1.91 -24.65 0.51
CA ASP A 290 -2.32 -25.69 -0.43
C ASP A 290 -1.26 -25.85 -1.52
N VAL A 291 -0.64 -24.72 -1.94
CA VAL A 291 0.43 -24.68 -2.95
C VAL A 291 1.74 -25.19 -2.33
N VAL A 292 2.05 -24.75 -1.09
CA VAL A 292 3.24 -25.12 -0.31
C VAL A 292 3.30 -26.65 -0.11
N ASN A 293 2.18 -27.27 0.29
CA ASN A 293 2.06 -28.71 0.51
C ASN A 293 1.36 -29.38 -0.67
CAZ 0JE B . 17.33 -1.13 -5.34
CAY 0JE B . 16.73 -0.22 -4.26
OAX 0JE B . 15.52 0.31 -4.79
CAB 0JE B . 14.71 0.98 -3.91
CAC 0JE B . 14.65 0.65 -2.55
CAA 0JE B . 13.89 2.00 -4.41
FAW 0JE B . 13.95 2.33 -5.72
CAD 0JE B . 13.03 2.69 -3.56
CAH 0JE B . 12.98 2.35 -2.21
NAG 0JE B . 12.27 2.83 -1.19
CAI 0JE B . 13.77 1.34 -1.71
NAE 0JE B . 13.49 1.23 -0.41
CAF 0JE B . 12.58 2.16 -0.09
CAJ 0JE B . 12.03 2.35 1.17
NAK 0JE B . 12.33 1.75 2.32
NAL 0JE B . 11.61 2.20 3.23
CAM 0JE B . 10.76 3.12 2.76
CAN 0JE B . 11.02 3.24 1.46
NAO 0JE B . 10.39 4.01 0.55
CAP 0JE B . 9.11 4.45 0.59
OAR 0JE B . 8.37 4.26 1.56
NAQ 0JE B . 8.69 5.14 -0.47
CAU 0JE B . 9.55 5.39 -1.64
CAV 0JE B . 9.22 4.38 -2.73
CAS 0JE B . 7.32 5.70 -0.53
CAT 0JE B . 6.34 4.60 -0.92
#